data_2XC5
#
_entry.id   2XC5
#
_cell.length_a   105.980
_cell.length_b   105.980
_cell.length_c   50.440
_cell.angle_alpha   90.00
_cell.angle_beta   90.00
_cell.angle_gamma   90.00
#
_symmetry.space_group_name_H-M   'P 43 21 2'
#
loop_
_entity.id
_entity.type
_entity.pdbx_description
1 polymer 'ACTIVATED FACTOR XA HEAVY CHAIN'
2 polymer 'FACTOR X LIGHT CHAIN'
3 non-polymer '(3R,4R)-1-METHANESULFONYL-PYRROLIDINE-3,4-DICARBOXYLIC ACID 3-[(4-CHLORO-3-FLUORO-PHENYL)-AMIDE] 4-{[2-FLUORO-4-(2-OXO-2H-PYRIDIN-1-YL)-PHENYL]-AMIDE}'
4 non-polymer 'CALCIUM ION'
5 non-polymer 'SODIUM ION'
6 water water
#
loop_
_entity_poly.entity_id
_entity_poly.type
_entity_poly.pdbx_seq_one_letter_code
_entity_poly.pdbx_strand_id
1 'polypeptide(L)'
;IVGGQECKDGECPWQALLINEENEGFCGGTILSEFYILTAAHCLYQAKRFKVRVGDRNTEQEEGGEAVHEVEVVIKHNRF
TKETYDFDIAVLRLKTPITFRMNVAPACLPERDWAESTLMTQKTGIVSGFGRTHEKGRQSTRLKMLEVPYVDRNSCKLSS
SFIITQNMFCAGYDTKQEDACQGDSGGPHVTRFKDTYFVTGIVSWGEGCARKGKYGIYTKVTAFLKWIDRSMKTRGLPKA
K
;
A
2 'polypeptide(L)' RKLCSLDNGDCDQFCHEEQNSVVCSCARGYTLADNGKACIPTGPYPCGKQTLERR L
#
# COMPACT_ATOMS: atom_id res chain seq x y z
N ILE A 1 5.50 12.37 -0.68
CA ILE A 1 5.44 12.18 -2.17
C ILE A 1 6.03 13.42 -2.84
N VAL A 2 6.99 13.18 -3.72
CA VAL A 2 7.61 14.22 -4.55
C VAL A 2 6.85 14.22 -5.87
N GLY A 3 6.36 15.39 -6.30
CA GLY A 3 5.55 15.42 -7.50
C GLY A 3 4.20 14.83 -7.15
N GLY A 4 3.56 14.16 -8.11
CA GLY A 4 2.20 13.67 -7.92
C GLY A 4 1.21 14.78 -7.62
N GLN A 5 0.09 14.41 -6.99
CA GLN A 5 -1.03 15.34 -6.72
C GLN A 5 -1.80 14.95 -5.47
N GLU A 6 -2.50 15.92 -4.87
CA GLU A 6 -3.40 15.63 -3.74
C GLU A 6 -4.44 14.56 -4.10
N CYS A 7 -4.67 13.58 -3.22
CA CYS A 7 -5.76 12.61 -3.45
C CYS A 7 -7.08 13.35 -3.38
N LYS A 8 -7.98 13.04 -4.31
CA LYS A 8 -9.36 13.56 -4.26
C LYS A 8 -10.16 12.78 -3.23
N ASP A 9 -11.29 13.33 -2.81
CA ASP A 9 -12.15 12.70 -1.83
C ASP A 9 -12.48 11.27 -2.26
N GLY A 10 -12.22 10.32 -1.37
CA GLY A 10 -12.48 8.89 -1.63
C GLY A 10 -11.53 8.15 -2.56
N GLU A 11 -10.49 8.81 -3.03
CA GLU A 11 -9.62 8.23 -4.05
C GLU A 11 -8.57 7.26 -3.47
N CYS A 12 -8.21 7.49 -2.22
CA CYS A 12 -7.16 6.70 -1.55
C CYS A 12 -7.68 6.21 -0.19
N PRO A 13 -8.80 5.46 -0.16
CA PRO A 13 -9.46 5.19 1.13
C PRO A 13 -8.72 4.21 2.04
N TRP A 14 -7.76 3.47 1.47
CA TRP A 14 -7.02 2.44 2.21
C TRP A 14 -5.82 3.03 2.94
N GLN A 15 -5.59 4.32 2.78
CA GLN A 15 -4.44 4.98 3.42
C GLN A 15 -4.61 5.05 4.92
N ALA A 16 -3.58 4.66 5.64
CA ALA A 16 -3.54 4.80 7.09
C ALA A 16 -2.31 5.61 7.42
N LEU A 17 -2.36 6.28 8.57
CA LEU A 17 -1.20 7.10 8.99
C LEU A 17 -0.81 6.70 10.43
N LEU A 18 0.45 6.35 10.62
CA LEU A 18 0.95 6.05 11.95
C LEU A 18 1.40 7.37 12.57
N ILE A 19 0.88 7.64 13.76
CA ILE A 19 1.20 8.88 14.46
C ILE A 19 1.94 8.60 15.75
N ASN A 20 2.95 9.41 16.04
CA ASN A 20 3.80 9.22 17.19
C ASN A 20 3.27 9.95 18.44
N GLU A 21 4.03 9.90 19.53
CA GLU A 21 3.67 10.56 20.79
C GLU A 21 3.43 12.07 20.65
N GLU A 22 4.09 12.69 19.68
CA GLU A 22 3.92 14.12 19.41
C GLU A 22 2.73 14.38 18.48
N ASN A 23 1.93 13.34 18.26
CA ASN A 23 0.73 13.41 17.41
C ASN A 23 1.06 13.75 15.94
N GLU A 24 2.30 13.42 15.57
CA GLU A 24 2.86 13.71 14.24
C GLU A 24 2.95 12.39 13.45
N GLY A 25 2.55 12.46 12.18
CA GLY A 25 2.69 11.29 11.28
C GLY A 25 4.15 11.01 10.97
N PHE A 26 4.53 9.73 10.92
CA PHE A 26 5.91 9.40 10.58
C PHE A 26 6.03 8.24 9.57
N CYS A 27 4.92 7.55 9.35
CA CYS A 27 4.85 6.43 8.40
C CYS A 27 3.41 6.22 7.95
N GLY A 28 3.27 5.54 6.81
CA GLY A 28 1.97 5.18 6.28
C GLY A 28 1.64 3.73 6.62
N GLY A 29 0.42 3.37 6.29
CA GLY A 29 -0.04 1.99 6.38
C GLY A 29 -1.14 1.77 5.38
N THR A 30 -1.53 0.51 5.19
CA THR A 30 -2.64 0.13 4.30
C THR A 30 -3.72 -0.59 5.09
N ILE A 31 -4.95 -0.09 5.02
CA ILE A 31 -6.05 -0.84 5.60
C ILE A 31 -6.31 -2.16 4.86
N LEU A 32 -6.20 -3.29 5.58
CA LEU A 32 -6.51 -4.60 4.99
C LEU A 32 -7.91 -5.11 5.36
N SER A 33 -8.39 -4.70 6.54
CA SER A 33 -9.68 -5.13 7.06
C SER A 33 -10.04 -4.20 8.21
N GLU A 34 -11.17 -4.46 8.86
CA GLU A 34 -11.57 -3.60 9.97
C GLU A 34 -10.58 -3.65 11.14
N PHE A 35 -9.79 -4.73 11.25
CA PHE A 35 -8.84 -4.90 12.36
C PHE A 35 -7.36 -4.81 12.01
N TYR A 36 -7.01 -4.87 10.73
CA TYR A 36 -5.60 -5.03 10.32
C TYR A 36 -5.08 -3.95 9.40
N ILE A 37 -3.89 -3.44 9.71
CA ILE A 37 -3.19 -2.45 8.92
C ILE A 37 -1.87 -3.12 8.48
N LEU A 38 -1.53 -2.92 7.22
CA LEU A 38 -0.28 -3.42 6.66
C LEU A 38 0.71 -2.26 6.66
N THR A 39 1.93 -2.50 7.16
CA THR A 39 2.94 -1.44 7.17
C THR A 39 4.35 -2.03 6.99
N ALA A 40 5.39 -1.21 7.09
CA ALA A 40 6.75 -1.70 6.91
C ALA A 40 7.31 -2.02 8.28
N ALA A 41 8.05 -3.11 8.41
CA ALA A 41 8.75 -3.42 9.64
C ALA A 41 9.65 -2.32 10.15
N HIS A 42 10.30 -1.61 9.24
CA HIS A 42 11.31 -0.61 9.67
C HIS A 42 10.64 0.59 10.34
N CYS A 43 9.37 0.81 10.07
CA CYS A 43 8.61 1.89 10.71
C CYS A 43 8.47 1.71 12.23
N LEU A 44 8.48 0.46 12.67
CA LEU A 44 8.23 0.15 14.07
C LEU A 44 9.36 0.62 14.98
N TYR A 45 10.52 0.86 14.38
CA TYR A 45 11.72 1.26 15.11
C TYR A 45 11.75 2.77 15.39
N GLN A 46 10.90 3.51 14.69
CA GLN A 46 10.98 4.96 14.65
C GLN A 46 10.21 5.68 15.76
N ALA A 47 9.31 4.97 16.43
CA ALA A 47 8.54 5.56 17.52
C ALA A 47 8.23 4.51 18.57
N LYS A 48 8.51 4.84 19.82
CA LYS A 48 8.32 3.92 20.94
C LYS A 48 6.85 3.51 21.03
N ARG A 49 5.97 4.50 21.00
CA ARG A 49 4.53 4.26 20.97
C ARG A 49 3.89 5.05 19.81
N PHE A 50 2.91 4.43 19.18
CA PHE A 50 2.25 5.07 18.06
C PHE A 50 0.81 4.58 17.98
N LYS A 51 -0.01 5.38 17.31
CA LYS A 51 -1.42 5.06 17.08
C LYS A 51 -1.61 5.10 15.58
N VAL A 52 -2.81 4.75 15.14
CA VAL A 52 -3.11 4.76 13.71
C VAL A 52 -4.28 5.71 13.42
N ARG A 53 -4.11 6.62 12.48
CA ARG A 53 -5.22 7.49 12.06
C ARG A 53 -5.70 7.08 10.67
N VAL A 54 -7.02 6.91 10.53
CA VAL A 54 -7.65 6.62 9.25
C VAL A 54 -8.53 7.79 8.84
N GLY A 55 -8.82 7.89 7.55
CA GLY A 55 -9.74 8.92 7.08
C GLY A 55 -9.24 10.35 6.99
N ASP A 56 -7.95 10.57 7.22
CA ASP A 56 -7.41 11.92 7.22
C ASP A 56 -6.87 12.26 5.85
N ARG A 57 -7.11 13.49 5.41
CA ARG A 57 -6.62 13.92 4.12
C ARG A 57 -5.77 15.17 4.26
N ASN A 58 -5.90 15.84 5.40
CA ASN A 58 -5.20 17.07 5.71
C ASN A 58 -4.87 17.04 7.18
N THR A 59 -3.59 16.88 7.53
CA THR A 59 -3.20 16.74 8.92
C THR A 59 -3.30 18.05 9.73
N GLU A 60 -3.47 19.18 9.05
CA GLU A 60 -3.60 20.48 9.74
C GLU A 60 -5.05 20.82 10.12
N GLN A 61 -6.00 20.06 9.58
CA GLN A 61 -7.41 20.33 9.76
C GLN A 61 -8.13 19.08 10.18
N GLU A 62 -8.92 19.16 11.24
CA GLU A 62 -9.80 18.06 11.61
C GLU A 62 -11.05 18.11 10.74
N GLU A 63 -11.18 17.18 9.81
CA GLU A 63 -12.37 17.11 8.97
C GLU A 63 -13.13 15.85 9.32
N GLY A 64 -14.41 15.82 8.96
CA GLY A 64 -15.25 14.66 9.24
C GLY A 64 -14.64 13.40 8.70
N GLY A 65 -14.77 12.30 9.43
CA GLY A 65 -14.27 11.00 8.97
C GLY A 65 -12.94 10.55 9.56
N GLU A 66 -12.16 11.45 10.13
CA GLU A 66 -10.94 11.02 10.81
C GLU A 66 -11.26 10.24 12.07
N ALA A 67 -10.50 9.18 12.32
CA ALA A 67 -10.63 8.41 13.55
C ALA A 67 -9.27 7.90 13.98
N VAL A 68 -9.11 7.76 15.28
CA VAL A 68 -7.85 7.27 15.85
C VAL A 68 -8.04 5.91 16.48
N HIS A 69 -7.07 5.02 16.23
CA HIS A 69 -7.13 3.66 16.74
C HIS A 69 -5.84 3.30 17.45
N GLU A 70 -5.98 2.71 18.63
CA GLU A 70 -4.85 2.09 19.32
C GLU A 70 -4.53 0.75 18.68
N VAL A 71 -3.25 0.40 18.74
CA VAL A 71 -2.75 -0.89 18.24
C VAL A 71 -2.73 -1.89 19.39
N GLU A 72 -3.34 -3.04 19.15
CA GLU A 72 -3.39 -4.12 20.14
C GLU A 72 -2.17 -5.03 20.03
N VAL A 73 -1.81 -5.36 18.79
CA VAL A 73 -0.78 -6.37 18.54
C VAL A 73 0.05 -5.89 17.35
N VAL A 74 1.37 -5.93 17.49
CA VAL A 74 2.31 -5.66 16.40
C VAL A 74 2.90 -7.00 15.96
N ILE A 75 2.77 -7.31 14.67
CA ILE A 75 3.35 -8.53 14.14
C ILE A 75 4.39 -8.14 13.09
N LYS A 76 5.65 -8.18 13.48
CA LYS A 76 6.77 -7.75 12.62
C LYS A 76 7.38 -9.03 12.03
N HIS A 77 7.75 -9.03 10.76
CA HIS A 77 8.37 -10.22 10.18
C HIS A 77 9.67 -10.52 10.95
N ASN A 78 9.80 -11.76 11.40
CA ASN A 78 10.96 -12.17 12.19
C ASN A 78 12.28 -12.09 11.42
N ARG A 79 12.23 -12.02 10.09
CA ARG A 79 13.47 -11.92 9.31
C ARG A 79 13.88 -10.53 8.89
N PHE A 80 13.06 -9.53 9.22
CA PHE A 80 13.48 -8.17 8.95
C PHE A 80 14.79 -7.83 9.68
N THR A 81 15.70 -7.22 8.94
CA THR A 81 16.85 -6.59 9.56
C THR A 81 17.21 -5.30 8.86
N LYS A 82 17.74 -4.33 9.62
CA LYS A 82 18.20 -3.06 9.03
C LYS A 82 19.46 -3.20 8.16
N GLU A 83 20.18 -4.30 8.32
CA GLU A 83 21.34 -4.60 7.48
C GLU A 83 20.98 -4.64 5.99
N THR A 84 19.86 -5.27 5.66
CA THR A 84 19.52 -5.52 4.26
C THR A 84 18.18 -4.87 3.88
N TYR A 85 17.40 -4.47 4.88
CA TYR A 85 16.01 -4.02 4.68
C TYR A 85 15.13 -5.07 3.98
N ASP A 86 15.58 -6.33 3.98
CA ASP A 86 14.78 -7.43 3.46
C ASP A 86 13.64 -7.78 4.44
N PHE A 87 12.55 -8.33 3.91
CA PHE A 87 11.37 -8.73 4.72
C PHE A 87 10.77 -7.52 5.44
N ASP A 88 10.67 -6.40 4.72
CA ASP A 88 10.24 -5.15 5.37
C ASP A 88 8.70 -5.08 5.39
N ILE A 89 8.14 -5.85 6.31
CA ILE A 89 6.69 -6.00 6.44
C ILE A 89 6.29 -6.24 7.88
N ALA A 90 5.14 -5.65 8.23
CA ALA A 90 4.51 -5.84 9.54
C ALA A 90 3.01 -5.69 9.36
N VAL A 91 2.28 -6.40 10.22
CA VAL A 91 0.82 -6.24 10.31
C VAL A 91 0.47 -5.76 11.73
N LEU A 92 -0.45 -4.80 11.81
CA LEU A 92 -0.91 -4.25 13.07
C LEU A 92 -2.34 -4.74 13.25
N ARG A 93 -2.64 -5.38 14.39
CA ARG A 93 -4.04 -5.58 14.77
C ARG A 93 -4.48 -4.42 15.66
N LEU A 94 -5.61 -3.82 15.31
CA LEU A 94 -6.13 -2.69 16.08
C LEU A 94 -6.97 -3.20 17.26
N LYS A 95 -7.04 -2.39 18.31
CA LYS A 95 -7.84 -2.70 19.50
C LYS A 95 -9.33 -2.72 19.19
N THR A 96 -9.75 -1.77 18.36
CA THR A 96 -11.16 -1.65 17.99
C THR A 96 -11.30 -1.58 16.49
N PRO A 97 -12.36 -2.19 15.93
CA PRO A 97 -12.50 -2.29 14.48
C PRO A 97 -12.76 -0.93 13.82
N ILE A 98 -12.19 -0.75 12.64
CA ILE A 98 -12.41 0.43 11.81
C ILE A 98 -13.80 0.35 11.22
N THR A 99 -14.50 1.49 11.19
CA THR A 99 -15.79 1.58 10.51
C THR A 99 -15.57 2.12 9.11
N PHE A 100 -15.86 1.30 8.11
CA PHE A 100 -15.66 1.71 6.73
C PHE A 100 -16.68 2.79 6.34
N ARG A 101 -16.19 3.81 5.66
CA ARG A 101 -16.98 4.95 5.24
C ARG A 101 -16.26 5.63 4.10
N MET A 102 -16.78 6.78 3.70
CA MET A 102 -16.08 7.64 2.75
C MET A 102 -14.64 7.86 3.23
N ASN A 103 -13.68 7.61 2.34
CA ASN A 103 -12.26 7.76 2.67
C ASN A 103 -11.67 6.68 3.58
N VAL A 104 -12.45 5.67 3.92
CA VAL A 104 -11.98 4.60 4.81
C VAL A 104 -12.49 3.25 4.31
N ALA A 105 -11.63 2.53 3.62
CA ALA A 105 -12.02 1.24 3.05
C ALA A 105 -10.76 0.46 2.76
N PRO A 106 -10.81 -0.88 2.84
CA PRO A 106 -9.61 -1.67 2.61
C PRO A 106 -9.23 -1.81 1.14
N ALA A 107 -7.94 -2.04 0.91
CA ALA A 107 -7.47 -2.44 -0.41
C ALA A 107 -7.59 -3.94 -0.48
N CYS A 108 -7.77 -4.49 -1.68
CA CYS A 108 -7.87 -5.94 -1.83
C CYS A 108 -6.52 -6.66 -1.80
N LEU A 109 -6.47 -7.81 -1.15
CA LEU A 109 -5.34 -8.72 -1.28
C LEU A 109 -5.57 -9.65 -2.46
N PRO A 110 -4.57 -9.78 -3.35
CA PRO A 110 -4.73 -10.68 -4.50
C PRO A 110 -4.30 -12.09 -4.14
N GLU A 111 -4.51 -13.03 -5.07
CA GLU A 111 -3.93 -14.37 -4.97
C GLU A 111 -2.54 -14.34 -5.59
N ARG A 112 -1.62 -15.15 -5.06
CA ARG A 112 -0.20 -15.02 -5.38
C ARG A 112 0.11 -15.23 -6.86
N ASP A 113 -0.28 -16.38 -7.41
CA ASP A 113 0.09 -16.72 -8.79
C ASP A 113 -0.55 -15.75 -9.78
N TRP A 114 -1.82 -15.44 -9.56
CA TRP A 114 -2.50 -14.47 -10.39
C TRP A 114 -1.84 -13.11 -10.31
N ALA A 115 -1.48 -12.68 -9.09
CA ALA A 115 -0.84 -11.38 -8.93
C ALA A 115 0.49 -11.35 -9.68
N GLU A 116 1.29 -12.41 -9.55
CA GLU A 116 2.60 -12.45 -10.21
C GLU A 116 2.46 -12.35 -11.73
N SER A 117 1.42 -12.98 -12.27
CA SER A 117 1.22 -13.08 -13.71
C SER A 117 0.46 -11.90 -14.31
N THR A 118 -0.43 -11.31 -13.53
CA THR A 118 -1.42 -10.37 -14.07
C THR A 118 -1.33 -8.94 -13.51
N LEU A 119 -1.07 -8.82 -12.21
CA LEU A 119 -0.96 -7.52 -11.59
C LEU A 119 0.40 -6.88 -11.79
N MET A 120 1.44 -7.61 -11.42
CA MET A 120 2.82 -7.10 -11.43
C MET A 120 3.30 -6.82 -12.86
N THR A 121 2.60 -7.40 -13.84
CA THR A 121 2.97 -7.21 -15.24
C THR A 121 2.25 -6.01 -15.85
N GLN A 122 1.41 -5.34 -15.06
CA GLN A 122 0.82 -4.05 -15.48
C GLN A 122 1.91 -3.00 -15.68
N LYS A 123 1.55 -1.90 -16.33
CA LYS A 123 2.51 -0.83 -16.57
C LYS A 123 2.83 -0.08 -15.28
N THR A 124 1.79 0.27 -14.52
CA THR A 124 1.98 1.13 -13.35
C THR A 124 1.21 0.68 -12.12
N GLY A 125 1.59 1.28 -10.98
CA GLY A 125 0.88 1.18 -9.73
C GLY A 125 0.69 2.58 -9.18
N ILE A 126 0.03 2.65 -8.04
CA ILE A 126 -0.19 3.92 -7.39
C ILE A 126 0.37 3.89 -5.98
N VAL A 127 1.18 4.89 -5.65
CA VAL A 127 1.71 5.07 -4.29
C VAL A 127 1.05 6.29 -3.65
N SER A 128 0.86 6.27 -2.34
CA SER A 128 0.30 7.47 -1.70
C SER A 128 0.86 7.68 -0.29
N GLY A 129 0.69 8.89 0.24
CA GLY A 129 1.14 9.21 1.57
C GLY A 129 1.29 10.70 1.88
N PHE A 130 1.73 10.95 3.10
CA PHE A 130 1.90 12.27 3.68
C PHE A 130 3.37 12.59 3.90
N GLY A 131 4.26 11.93 3.17
CA GLY A 131 5.69 12.10 3.40
C GLY A 131 6.24 13.34 2.74
N ARG A 132 7.56 13.53 2.84
CA ARG A 132 8.25 14.75 2.34
C ARG A 132 7.93 15.05 0.87
N THR A 133 7.81 16.33 0.52
CA THR A 133 7.51 16.72 -0.85
C THR A 133 8.78 17.03 -1.63
N HIS A 134 9.90 17.08 -0.90
CA HIS A 134 11.23 17.15 -1.49
C HIS A 134 12.18 16.42 -0.55
N GLU A 135 13.25 15.84 -1.10
CA GLU A 135 14.22 15.07 -0.31
C GLU A 135 14.65 15.75 1.01
N LYS A 136 15.01 17.02 0.94
CA LYS A 136 15.48 17.72 2.14
C LYS A 136 14.37 18.58 2.78
N GLY A 137 13.15 18.45 2.28
CA GLY A 137 12.03 19.30 2.66
C GLY A 137 11.09 18.74 3.73
N ARG A 138 10.01 19.50 3.96
CA ARG A 138 9.00 19.19 4.95
C ARG A 138 8.04 18.10 4.47
N GLN A 139 7.47 17.38 5.43
CA GLN A 139 6.35 16.47 5.18
C GLN A 139 5.13 17.21 4.67
N SER A 140 4.40 16.58 3.77
CA SER A 140 3.14 17.12 3.27
C SER A 140 2.04 17.10 4.35
N THR A 141 1.24 18.16 4.43
CA THR A 141 0.08 18.14 5.32
C THR A 141 -1.16 17.57 4.60
N ARG A 142 -1.06 17.42 3.28
CA ARG A 142 -2.13 16.86 2.48
C ARG A 142 -1.76 15.50 1.94
N LEU A 143 -2.73 14.59 1.90
CA LEU A 143 -2.52 13.29 1.29
C LEU A 143 -2.30 13.42 -0.22
N LYS A 144 -1.16 12.90 -0.67
CA LYS A 144 -0.80 12.90 -2.08
C LYS A 144 -0.75 11.50 -2.64
N MET A 145 -1.00 11.40 -3.95
CA MET A 145 -0.78 10.15 -4.68
C MET A 145 0.13 10.33 -5.89
N LEU A 146 0.67 9.22 -6.38
CA LEU A 146 1.57 9.24 -7.53
C LEU A 146 1.50 7.93 -8.28
N GLU A 147 1.32 8.03 -9.60
CA GLU A 147 1.39 6.87 -10.47
C GLU A 147 2.89 6.61 -10.72
N VAL A 148 3.32 5.38 -10.46
CA VAL A 148 4.71 4.98 -10.64
C VAL A 148 4.80 3.75 -11.52
N PRO A 149 5.58 3.85 -12.61
CA PRO A 149 5.77 2.63 -13.44
C PRO A 149 6.55 1.54 -12.74
N TYR A 150 6.20 0.28 -13.01
CA TYR A 150 7.05 -0.84 -12.59
C TYR A 150 8.37 -0.69 -13.33
N VAL A 151 9.46 -0.99 -12.65
CA VAL A 151 10.78 -0.85 -13.24
C VAL A 151 11.42 -2.24 -13.28
N ASP A 152 12.09 -2.58 -14.38
CA ASP A 152 12.69 -3.90 -14.56
C ASP A 152 13.70 -4.16 -13.44
N ARG A 153 13.63 -5.37 -12.87
CA ARG A 153 14.46 -5.76 -11.72
C ARG A 153 15.97 -5.56 -12.03
N ASN A 154 16.38 -5.94 -13.22
CA ASN A 154 17.80 -5.87 -13.53
C ASN A 154 18.30 -4.45 -13.68
N SER A 155 17.52 -3.61 -14.34
CA SER A 155 17.76 -2.15 -14.35
C SER A 155 17.87 -1.58 -12.94
N CYS A 156 16.98 -2.01 -12.07
CA CYS A 156 17.01 -1.52 -10.70
C CYS A 156 18.25 -1.98 -9.95
N LYS A 157 18.60 -3.25 -10.09
CA LYS A 157 19.79 -3.73 -9.41
C LYS A 157 21.01 -2.94 -9.88
N LEU A 158 21.12 -2.68 -11.19
CA LEU A 158 22.25 -1.92 -11.73
C LEU A 158 22.33 -0.51 -11.13
N SER A 159 21.18 0.07 -10.84
CA SER A 159 21.08 1.45 -10.34
C SER A 159 21.40 1.55 -8.85
N SER A 160 21.29 0.43 -8.12
CA SER A 160 21.23 0.47 -6.65
C SER A 160 22.58 0.20 -5.99
N SER A 161 22.87 0.95 -4.93
CA SER A 161 24.01 0.70 -4.06
C SER A 161 23.81 -0.54 -3.20
N PHE A 162 22.56 -0.94 -3.01
CA PHE A 162 22.24 -2.01 -2.09
C PHE A 162 21.60 -3.16 -2.85
N ILE A 163 21.67 -4.34 -2.26
CA ILE A 163 21.05 -5.56 -2.83
C ILE A 163 19.52 -5.45 -2.93
N ILE A 164 18.97 -5.75 -4.11
CA ILE A 164 17.53 -5.83 -4.31
C ILE A 164 17.20 -7.30 -4.24
N THR A 165 16.38 -7.71 -3.27
CA THR A 165 16.04 -9.12 -3.08
C THR A 165 14.74 -9.48 -3.77
N GLN A 166 14.45 -10.78 -3.84
CA GLN A 166 13.22 -11.24 -4.41
C GLN A 166 12.01 -10.77 -3.59
N ASN A 167 12.23 -10.28 -2.36
CA ASN A 167 11.10 -9.73 -1.56
C ASN A 167 10.80 -8.26 -1.82
N MET A 168 11.51 -7.70 -2.78
CA MET A 168 11.42 -6.30 -3.14
C MET A 168 11.11 -6.17 -4.62
N PHE A 169 10.50 -5.06 -5.00
CA PHE A 169 10.48 -4.68 -6.39
C PHE A 169 10.71 -3.18 -6.51
N CYS A 170 11.00 -2.73 -7.74
CA CYS A 170 11.33 -1.34 -7.98
C CYS A 170 10.25 -0.70 -8.79
N ALA A 171 10.06 0.59 -8.54
CA ALA A 171 9.09 1.36 -9.32
C ALA A 171 9.47 2.84 -9.29
N GLY A 172 8.98 3.59 -10.24
CA GLY A 172 9.25 5.02 -10.26
C GLY A 172 9.96 5.42 -11.53
N TYR A 173 10.75 6.49 -11.44
CA TYR A 173 11.33 7.11 -12.64
C TYR A 173 12.82 7.26 -12.57
N ASP A 174 13.45 7.07 -13.73
CA ASP A 174 14.89 7.28 -13.83
C ASP A 174 15.26 8.72 -13.43
N THR A 175 14.75 9.72 -14.14
CA THR A 175 15.21 11.11 -13.92
C THR A 175 14.10 12.12 -13.62
N LYS A 176 12.89 11.83 -14.07
CA LYS A 176 11.71 12.65 -13.76
C LYS A 176 11.56 12.80 -12.25
N GLN A 177 11.25 14.02 -11.79
CA GLN A 177 11.27 14.34 -10.36
C GLN A 177 9.97 13.96 -9.67
N GLU A 178 9.67 12.67 -9.67
CA GLU A 178 8.46 12.13 -9.03
C GLU A 178 8.86 10.83 -8.37
N ASP A 179 8.52 10.71 -7.09
CA ASP A 179 8.89 9.55 -6.28
C ASP A 179 8.16 9.57 -4.94
N ALA A 180 8.13 8.43 -4.25
CA ALA A 180 7.76 8.44 -2.85
C ALA A 180 8.97 8.94 -2.08
N CYS A 181 8.77 9.28 -0.82
CA CYS A 181 9.87 9.80 -0.02
C CYS A 181 9.71 9.34 1.42
N GLN A 182 10.70 9.69 2.26
CA GLN A 182 10.64 9.41 3.68
C GLN A 182 9.35 10.00 4.25
N GLY A 183 8.70 9.21 5.07
CA GLY A 183 7.40 9.57 5.63
C GLY A 183 6.27 8.89 4.91
N ASP A 184 6.50 8.50 3.65
CA ASP A 184 5.54 7.68 2.90
C ASP A 184 5.76 6.20 3.21
N SER A 185 6.95 5.89 3.74
CA SER A 185 7.35 4.54 4.11
C SER A 185 6.23 3.86 4.88
N GLY A 186 5.99 2.58 4.57
CA GLY A 186 4.92 1.80 5.23
C GLY A 186 3.57 1.84 4.54
N GLY A 187 3.42 2.85 3.70
CA GLY A 187 2.15 3.13 3.00
C GLY A 187 1.92 2.24 1.80
N PRO A 188 0.79 2.49 1.11
CA PRO A 188 0.35 1.53 0.11
C PRO A 188 0.96 1.76 -1.26
N HIS A 189 1.30 0.65 -1.92
CA HIS A 189 1.46 0.61 -3.34
C HIS A 189 0.34 -0.32 -3.84
N VAL A 190 -0.54 0.25 -4.66
CA VAL A 190 -1.67 -0.51 -5.17
C VAL A 190 -1.64 -0.51 -6.69
N THR A 191 -2.18 -1.58 -7.25
CA THR A 191 -2.28 -1.77 -8.67
C THR A 191 -3.75 -2.03 -9.05
N ARG A 192 -4.23 -1.25 -10.01
CA ARG A 192 -5.59 -1.39 -10.50
C ARG A 192 -5.65 -2.52 -11.51
N PHE A 193 -6.63 -3.41 -11.33
CA PHE A 193 -6.99 -4.35 -12.37
C PHE A 193 -8.45 -4.17 -12.68
N LYS A 194 -8.72 -3.75 -13.91
CA LYS A 194 -10.04 -3.32 -14.35
C LYS A 194 -10.54 -2.15 -13.48
N ASP A 195 -11.39 -2.41 -12.49
CA ASP A 195 -11.86 -1.32 -11.58
C ASP A 195 -11.60 -1.55 -10.08
N THR A 196 -10.77 -2.53 -9.78
CA THR A 196 -10.47 -2.94 -8.40
C THR A 196 -9.01 -2.66 -8.14
N TYR A 197 -8.72 -2.09 -6.97
CA TYR A 197 -7.33 -1.85 -6.56
C TYR A 197 -6.83 -2.91 -5.58
N PHE A 198 -5.66 -3.44 -5.90
CA PHE A 198 -5.12 -4.53 -5.14
C PHE A 198 -3.81 -4.06 -4.54
N VAL A 199 -3.54 -4.43 -3.29
CA VAL A 199 -2.27 -3.98 -2.71
C VAL A 199 -1.15 -4.90 -3.24
N THR A 200 -0.12 -4.26 -3.80
CA THR A 200 0.96 -4.97 -4.46
C THR A 200 2.29 -4.63 -3.78
N GLY A 201 2.35 -3.52 -3.06
CA GLY A 201 3.61 -3.15 -2.42
C GLY A 201 3.48 -2.39 -1.14
N ILE A 202 4.56 -2.35 -0.38
CA ILE A 202 4.64 -1.49 0.78
C ILE A 202 5.81 -0.55 0.49
N VAL A 203 5.59 0.76 0.57
CA VAL A 203 6.65 1.76 0.41
C VAL A 203 7.77 1.42 1.40
N SER A 204 8.96 1.13 0.88
CA SER A 204 10.02 0.63 1.77
C SER A 204 11.25 1.53 1.88
N TRP A 205 12.00 1.71 0.79
CA TRP A 205 13.20 2.57 0.89
C TRP A 205 13.65 3.10 -0.46
N GLY A 206 14.62 4.01 -0.41
CA GLY A 206 15.24 4.49 -1.64
C GLY A 206 16.43 5.34 -1.24
N GLU A 207 17.35 5.53 -2.18
CA GLU A 207 18.51 6.40 -1.99
C GLU A 207 18.10 7.82 -2.36
N GLY A 208 17.94 8.65 -1.34
CA GLY A 208 17.35 9.99 -1.48
C GLY A 208 15.89 9.90 -1.89
N CYS A 209 15.39 10.95 -2.54
CA CYS A 209 14.05 10.92 -3.09
C CYS A 209 14.10 11.59 -4.44
N ALA A 210 13.52 10.92 -5.44
CA ALA A 210 13.47 11.41 -6.82
C ALA A 210 14.86 11.69 -7.41
N ARG A 211 15.89 10.97 -6.92
CA ARG A 211 17.24 11.16 -7.41
C ARG A 211 17.36 10.60 -8.82
N LYS A 212 18.03 11.35 -9.70
CA LYS A 212 18.32 10.90 -11.05
C LYS A 212 19.11 9.58 -10.95
N GLY A 213 18.68 8.59 -11.73
CA GLY A 213 19.32 7.28 -11.72
C GLY A 213 19.03 6.36 -10.53
N LYS A 214 18.04 6.72 -9.71
CA LYS A 214 17.60 5.87 -8.60
C LYS A 214 16.09 5.66 -8.67
N TYR A 215 15.61 4.56 -8.09
CA TYR A 215 14.21 4.20 -8.11
C TYR A 215 13.67 4.05 -6.72
N GLY A 216 12.37 3.90 -6.59
CA GLY A 216 11.80 3.60 -5.27
C GLY A 216 11.74 2.08 -5.12
N ILE A 217 11.99 1.61 -3.91
CA ILE A 217 12.00 0.18 -3.63
C ILE A 217 10.86 -0.17 -2.67
N TYR A 218 10.12 -1.20 -3.06
CA TYR A 218 8.88 -1.61 -2.39
C TYR A 218 8.99 -3.03 -1.93
N THR A 219 8.39 -3.34 -0.79
CA THR A 219 8.24 -4.73 -0.37
C THR A 219 7.25 -5.38 -1.32
N LYS A 220 7.60 -6.52 -1.87
CA LYS A 220 6.71 -7.20 -2.82
C LYS A 220 5.70 -8.04 -2.05
N VAL A 221 4.47 -7.56 -2.00
CA VAL A 221 3.42 -8.14 -1.15
C VAL A 221 3.07 -9.60 -1.55
N THR A 222 3.19 -9.92 -2.84
CA THR A 222 2.95 -11.30 -3.35
C THR A 222 3.83 -12.34 -2.65
N ALA A 223 5.06 -11.94 -2.34
CA ALA A 223 5.98 -12.83 -1.59
C ALA A 223 5.52 -13.16 -0.17
N PHE A 224 4.56 -12.39 0.33
CA PHE A 224 4.16 -12.46 1.73
C PHE A 224 2.66 -12.71 1.92
N LEU A 225 1.96 -13.08 0.85
CA LEU A 225 0.51 -13.33 0.97
C LEU A 225 0.15 -14.43 1.98
N LYS A 226 0.89 -15.52 2.01
CA LYS A 226 0.70 -16.53 3.06
C LYS A 226 1.03 -16.02 4.44
N TRP A 227 2.09 -15.21 4.55
CA TRP A 227 2.52 -14.70 5.84
C TRP A 227 1.44 -13.75 6.39
N ILE A 228 0.90 -12.92 5.51
CA ILE A 228 -0.12 -11.95 5.86
C ILE A 228 -1.36 -12.72 6.33
N ASP A 229 -1.77 -13.72 5.54
CA ASP A 229 -2.95 -14.52 5.91
C ASP A 229 -2.79 -15.14 7.30
N ARG A 230 -1.60 -15.67 7.58
CA ARG A 230 -1.30 -16.30 8.86
C ARG A 230 -1.26 -15.26 10.01
N SER A 231 -0.69 -14.08 9.72
CA SER A 231 -0.66 -12.99 10.70
C SER A 231 -2.04 -12.48 11.08
N MET A 232 -2.96 -12.47 10.11
CA MET A 232 -4.29 -11.91 10.31
C MET A 232 -5.26 -12.87 10.98
N LYS A 233 -4.84 -14.15 11.03
CA LYS A 233 -5.57 -15.18 11.76
C LYS A 233 -4.99 -15.39 13.16
N THR A 234 -4.02 -14.56 13.53
CA THR A 234 -3.30 -14.57 14.82
C THR A 234 -1.95 -15.27 14.69
N ARG A 235 -0.90 -14.64 14.77
N CYS B 4 -6.64 -18.68 -19.29
CA CYS B 4 -6.35 -17.51 -18.40
C CYS B 4 -5.44 -16.48 -19.07
N SER B 5 -4.66 -16.93 -20.05
CA SER B 5 -3.72 -16.06 -20.75
C SER B 5 -4.43 -14.95 -21.52
N LEU B 6 -5.43 -15.32 -22.33
CA LEU B 6 -6.16 -14.35 -23.14
C LEU B 6 -7.22 -13.62 -22.32
N ASP B 7 -7.11 -12.29 -22.28
CA ASP B 7 -8.07 -11.39 -21.61
C ASP B 7 -8.42 -11.78 -20.16
N ASN B 8 -7.46 -12.38 -19.46
CA ASN B 8 -7.63 -12.82 -18.06
C ASN B 8 -8.74 -13.88 -17.93
N GLY B 9 -8.98 -14.62 -19.01
CA GLY B 9 -10.10 -15.55 -19.10
C GLY B 9 -11.45 -14.84 -19.07
N ASP B 10 -11.45 -13.56 -19.47
CA ASP B 10 -12.62 -12.67 -19.40
C ASP B 10 -13.08 -12.37 -17.96
N CYS B 11 -12.27 -12.75 -16.97
CA CYS B 11 -12.62 -12.60 -15.56
C CYS B 11 -12.50 -11.15 -15.09
N ASP B 12 -13.40 -10.74 -14.19
CA ASP B 12 -13.39 -9.39 -13.63
C ASP B 12 -12.27 -9.23 -12.60
N GLN B 13 -12.00 -10.33 -11.85
CA GLN B 13 -10.91 -10.36 -10.87
C GLN B 13 -9.96 -11.53 -11.12
N PHE B 14 -10.00 -12.55 -10.26
CA PHE B 14 -9.05 -13.65 -10.35
C PHE B 14 -9.45 -14.64 -11.44
N CYS B 15 -8.47 -15.37 -11.99
CA CYS B 15 -8.70 -16.33 -13.07
C CYS B 15 -8.37 -17.77 -12.65
N VAL B 22 -11.48 -21.91 -18.24
CA VAL B 22 -11.60 -20.65 -17.52
C VAL B 22 -12.42 -20.81 -16.25
N VAL B 23 -11.80 -20.49 -15.12
CA VAL B 23 -12.48 -20.48 -13.84
C VAL B 23 -12.19 -19.16 -13.13
N CYS B 24 -13.22 -18.30 -13.05
CA CYS B 24 -13.09 -16.99 -12.39
C CYS B 24 -13.41 -17.08 -10.90
N SER B 25 -12.85 -16.16 -10.12
CA SER B 25 -13.21 -16.01 -8.70
C SER B 25 -12.94 -14.58 -8.22
N CYS B 26 -13.34 -14.28 -6.99
CA CYS B 26 -13.25 -12.91 -6.51
C CYS B 26 -12.63 -12.81 -5.11
N ALA B 27 -12.22 -11.59 -4.76
CA ALA B 27 -11.65 -11.30 -3.46
C ALA B 27 -12.73 -11.29 -2.39
N ARG B 28 -12.33 -11.38 -1.13
CA ARG B 28 -13.26 -11.31 0.00
C ARG B 28 -14.12 -10.05 -0.11
N GLY B 29 -15.41 -10.19 0.21
CA GLY B 29 -16.36 -9.09 0.09
C GLY B 29 -17.02 -8.99 -1.29
N TYR B 30 -16.75 -9.98 -2.14
CA TYR B 30 -17.32 -10.05 -3.50
C TYR B 30 -17.94 -11.43 -3.74
N THR B 31 -19.03 -11.45 -4.50
CA THR B 31 -19.65 -12.69 -5.00
C THR B 31 -19.51 -12.74 -6.52
N LEU B 32 -19.11 -13.89 -7.04
CA LEU B 32 -19.03 -14.12 -8.48
C LEU B 32 -20.43 -14.07 -9.07
N ALA B 33 -20.59 -13.28 -10.14
CA ALA B 33 -21.90 -13.03 -10.78
C ALA B 33 -22.52 -14.27 -11.43
N ASP B 34 -23.75 -14.10 -11.93
CA ASP B 34 -24.47 -15.16 -12.65
C ASP B 34 -23.69 -15.64 -13.87
N ASN B 35 -23.20 -14.70 -14.69
CA ASN B 35 -22.41 -15.02 -15.88
C ASN B 35 -21.10 -15.77 -15.59
N GLY B 36 -20.73 -15.84 -14.31
CA GLY B 36 -19.51 -16.54 -13.88
C GLY B 36 -18.22 -15.82 -14.24
N LYS B 37 -18.31 -14.52 -14.52
CA LYS B 37 -17.15 -13.70 -14.91
C LYS B 37 -17.05 -12.42 -14.06
N ALA B 38 -18.15 -11.68 -13.94
CA ALA B 38 -18.16 -10.45 -13.14
C ALA B 38 -18.16 -10.73 -11.63
N CYS B 39 -17.78 -9.73 -10.84
CA CYS B 39 -17.79 -9.85 -9.38
C CYS B 39 -18.72 -8.82 -8.77
N ILE B 40 -19.59 -9.26 -7.86
CA ILE B 40 -20.57 -8.38 -7.24
C ILE B 40 -20.17 -8.12 -5.78
N PRO B 41 -20.10 -6.84 -5.39
CA PRO B 41 -19.79 -6.50 -3.98
C PRO B 41 -20.96 -6.83 -3.07
N THR B 42 -20.67 -7.33 -1.88
CA THR B 42 -21.72 -7.69 -0.92
C THR B 42 -22.06 -6.57 0.06
N GLY B 43 -21.08 -5.73 0.38
CA GLY B 43 -21.30 -4.57 1.26
C GLY B 43 -21.12 -3.22 0.58
N PRO B 44 -21.44 -2.12 1.31
CA PRO B 44 -21.29 -0.76 0.77
C PRO B 44 -19.83 -0.33 0.58
N TYR B 45 -18.90 -0.96 1.31
CA TYR B 45 -17.48 -0.60 1.22
C TYR B 45 -16.56 -1.76 0.88
N PRO B 46 -16.72 -2.31 -0.35
CA PRO B 46 -15.97 -3.49 -0.73
C PRO B 46 -14.49 -3.12 -0.92
N CYS B 47 -13.62 -4.09 -0.66
CA CYS B 47 -12.20 -3.86 -0.81
C CYS B 47 -11.85 -3.33 -2.20
N GLY B 48 -10.87 -2.45 -2.24
CA GLY B 48 -10.27 -2.05 -3.50
C GLY B 48 -11.09 -1.15 -4.40
N LYS B 49 -12.17 -0.60 -3.85
CA LYS B 49 -12.99 0.35 -4.59
C LYS B 49 -12.84 1.71 -3.96
N GLN B 50 -12.63 2.71 -4.80
CA GLN B 50 -12.67 4.09 -4.34
C GLN B 50 -14.09 4.41 -3.85
N THR B 51 -14.19 5.23 -2.80
CA THR B 51 -15.48 5.51 -2.15
C THR B 51 -16.18 6.74 -2.74
N LEU B 52 -17.51 6.67 -2.85
CA LEU B 52 -18.33 7.81 -3.34
C LEU B 52 -19.28 8.30 -2.24
N GLU B 53 -19.66 9.58 -2.28
CA GLU B 53 -20.64 10.13 -1.33
C GLU B 53 -22.07 9.75 -1.71
N ARG B 54 -22.53 10.07 -2.79
#